data_6BBU
#
_entry.id   6BBU
#
_cell.length_a   46.530
_cell.length_b   88.100
_cell.length_c   146.050
_cell.angle_alpha   90.00
_cell.angle_beta   90.00
_cell.angle_gamma   90.00
#
_symmetry.space_group_name_H-M   'C 2 2 21'
#
loop_
_entity.id
_entity.type
_entity.pdbx_description
1 polymer 'Tyrosine-protein kinase JAK1'
2 non-polymer N-{cis-3-[methyl(7H-pyrrolo[2,3-d]pyrimidin-4-yl)amino]cyclobutyl}propane-1-sulfonamide
3 water water
#
_entity_poly.entity_id   1
_entity_poly.type   'polypeptide(L)'
_entity_poly.pdbx_seq_one_letter_code
;GSIMRDINKLEEQNPDIVSEKKPATEVDPTHFEKRFLKRIRDLGEGHFGKVELCRYDPEGDNTGEQVAVKSLKPESGGNH
IADLKKEIEILRNLYHENIVKYKGICTEDGGNGIKLIMEFLPSGSLKEYLPKNKNKINLKQQLKYAVQICKGMDYLGSRQ
YVHRDLAARNVLVESEHQVKIGDFGLTKAIETDKE(PTR)(PTR)TVKDDRDSPVFWYAPECLMQSKFYIASDVWSFGVT
LHELLTYCDSDSSPMALFLKMIGPTHGQMTVTRLVNTLKEGKRLPCPPNCPDEVYQLMRKCWEFQPSNRTSFQNLIEGFE
ALLK
;
_entity_poly.pdbx_strand_id   A
#
loop_
_chem_comp.id
_chem_comp.type
_chem_comp.name
_chem_comp.formula
D7D non-polymer N-{cis-3-[methyl(7H-pyrrolo[2,3-d]pyrimidin-4-yl)amino]cyclobutyl}propane-1-sulfonamide 'C14 H21 N5 O2 S'
#
# COMPACT_ATOMS: atom_id res chain seq x y z
N PRO A 29 14.83 12.60 -20.90
CA PRO A 29 13.42 12.45 -20.51
C PRO A 29 13.25 11.75 -19.17
N THR A 30 14.01 10.66 -18.94
CA THR A 30 13.98 9.86 -17.71
C THR A 30 15.13 10.22 -16.77
N HIS A 31 15.95 11.23 -17.12
CA HIS A 31 17.01 11.69 -16.22
C HIS A 31 16.71 13.10 -15.72
N PHE A 32 16.57 13.24 -14.39
CA PHE A 32 16.26 14.52 -13.73
C PHE A 32 17.53 15.01 -13.00
N GLU A 33 17.94 16.27 -13.24
CA GLU A 33 19.14 16.82 -12.59
C GLU A 33 18.81 17.25 -11.16
N LYS A 34 19.60 16.81 -10.16
CA LYS A 34 19.36 17.14 -8.74
C LYS A 34 19.23 18.66 -8.45
N ARG A 35 20.13 19.49 -9.01
CA ARG A 35 20.13 20.96 -8.86
C ARG A 35 18.81 21.63 -9.31
N PHE A 36 18.06 20.98 -10.23
CA PHE A 36 16.79 21.48 -10.78
C PHE A 36 15.54 20.94 -10.07
N LEU A 37 15.73 20.03 -9.12
CA LEU A 37 14.63 19.49 -8.32
C LEU A 37 14.47 20.34 -7.07
N LYS A 38 13.65 21.36 -7.19
CA LYS A 38 13.38 22.34 -6.13
C LYS A 38 12.45 21.76 -5.06
N ARG A 39 12.99 21.49 -3.87
CA ARG A 39 12.24 20.92 -2.75
C ARG A 39 11.10 21.84 -2.33
N ILE A 40 9.89 21.28 -2.14
CA ILE A 40 8.71 22.02 -1.70
C ILE A 40 8.32 21.54 -0.28
N ARG A 41 8.00 20.23 -0.10
CA ARG A 41 7.59 19.63 1.19
C ARG A 41 7.69 18.11 1.16
N ASP A 42 7.61 17.46 2.35
CA ASP A 42 7.62 16.01 2.50
C ASP A 42 6.24 15.48 2.17
N LEU A 43 6.18 14.30 1.55
CA LEU A 43 4.92 13.65 1.21
C LEU A 43 4.73 12.43 2.10
N GLY A 44 5.82 11.90 2.61
CA GLY A 44 5.81 10.73 3.48
C GLY A 44 7.20 10.24 3.78
N GLU A 45 7.33 9.51 4.87
CA GLU A 45 8.60 9.00 5.34
C GLU A 45 8.45 7.60 5.91
N GLY A 46 9.44 6.78 5.60
CA GLY A 46 9.58 5.45 6.16
C GLY A 46 10.71 5.53 7.17
N HIS A 47 11.33 4.38 7.46
CA HIS A 47 12.47 4.26 8.37
C HIS A 47 13.75 4.70 7.63
N PHE A 48 13.97 4.17 6.40
CA PHE A 48 15.16 4.44 5.58
C PHE A 48 14.91 5.26 4.30
N GLY A 49 13.64 5.52 4.00
CA GLY A 49 13.28 6.27 2.80
C GLY A 49 12.33 7.42 3.07
N LYS A 50 12.30 8.37 2.13
CA LYS A 50 11.39 9.51 2.20
C LYS A 50 10.92 9.88 0.81
N VAL A 51 9.71 10.44 0.72
CA VAL A 51 9.14 10.88 -0.53
C VAL A 51 8.88 12.38 -0.36
N GLU A 52 9.41 13.21 -1.26
CA GLU A 52 9.21 14.65 -1.22
C GLU A 52 8.58 15.15 -2.49
N LEU A 53 7.83 16.26 -2.37
CA LEU A 53 7.25 16.96 -3.50
C LEU A 53 8.34 17.94 -3.96
N CYS A 54 8.68 17.90 -5.25
CA CYS A 54 9.66 18.83 -5.84
C CYS A 54 9.07 19.43 -7.10
N ARG A 55 9.59 20.58 -7.53
CA ARG A 55 9.24 21.14 -8.82
C ARG A 55 10.49 20.97 -9.66
N TYR A 56 10.38 20.24 -10.78
CA TYR A 56 11.54 20.07 -11.67
C TYR A 56 11.51 21.29 -12.55
N ASP A 57 12.39 22.24 -12.24
CA ASP A 57 12.39 23.54 -12.89
C ASP A 57 13.71 23.90 -13.64
N PRO A 58 14.01 23.22 -14.78
CA PRO A 58 15.26 23.55 -15.51
C PRO A 58 15.28 24.95 -16.16
N GLU A 59 14.11 25.57 -16.35
CA GLU A 59 14.04 26.91 -16.95
C GLU A 59 14.24 28.00 -15.89
N GLY A 60 14.16 27.62 -14.61
CA GLY A 60 14.34 28.53 -13.47
C GLY A 60 13.27 29.61 -13.31
N ASP A 61 12.07 29.41 -13.88
CA ASP A 61 10.97 30.39 -13.83
C ASP A 61 9.75 29.92 -13.00
N ASN A 62 9.86 28.72 -12.40
CA ASN A 62 8.85 28.05 -11.55
C ASN A 62 7.62 27.56 -12.34
N THR A 63 7.79 27.26 -13.64
CA THR A 63 6.73 26.72 -14.51
C THR A 63 6.87 25.19 -14.65
N GLY A 64 7.98 24.64 -14.17
CA GLY A 64 8.25 23.21 -14.25
C GLY A 64 7.21 22.32 -13.60
N GLU A 65 7.23 21.03 -13.95
CA GLU A 65 6.29 20.07 -13.40
C GLU A 65 6.65 19.64 -11.99
N GLN A 66 5.60 19.47 -11.19
CA GLN A 66 5.69 18.99 -9.83
C GLN A 66 5.80 17.49 -9.93
N VAL A 67 6.76 16.91 -9.20
CA VAL A 67 7.01 15.48 -9.19
C VAL A 67 7.22 14.98 -7.75
N ALA A 68 7.06 13.67 -7.53
CA ALA A 68 7.29 13.02 -6.24
C ALA A 68 8.65 12.35 -6.37
N VAL A 69 9.53 12.63 -5.40
CA VAL A 69 10.91 12.18 -5.42
C VAL A 69 11.14 11.28 -4.23
N LYS A 70 11.55 10.04 -4.50
CA LYS A 70 11.85 9.13 -3.41
C LYS A 70 13.35 8.93 -3.30
N SER A 71 13.89 9.16 -2.10
CA SER A 71 15.30 9.07 -1.82
C SER A 71 15.55 8.33 -0.50
N LEU A 72 16.83 8.16 -0.16
CA LEU A 72 17.29 7.53 1.09
C LEU A 72 17.48 8.58 2.15
N LYS A 73 16.98 8.29 3.35
CA LYS A 73 17.04 9.14 4.54
C LYS A 73 18.49 9.23 5.07
N PRO A 74 18.85 10.32 5.81
CA PRO A 74 20.22 10.42 6.35
C PRO A 74 20.41 9.56 7.60
N ASN A 79 23.14 1.78 3.77
CA ASN A 79 22.73 1.78 2.36
C ASN A 79 22.64 0.34 1.80
N HIS A 80 21.48 -0.14 1.24
CA HIS A 80 20.13 0.43 1.00
C HIS A 80 19.97 1.11 -0.38
N ILE A 81 21.07 1.47 -1.06
CA ILE A 81 21.01 2.03 -2.43
C ILE A 81 20.58 0.89 -3.40
N ALA A 82 20.98 -0.36 -3.11
CA ALA A 82 20.64 -1.56 -3.88
C ALA A 82 19.14 -1.80 -3.84
N ASP A 83 18.49 -1.55 -2.68
CA ASP A 83 17.05 -1.73 -2.51
C ASP A 83 16.25 -0.66 -3.23
N LEU A 84 16.80 0.57 -3.32
CA LEU A 84 16.10 1.63 -4.04
C LEU A 84 16.24 1.34 -5.54
N LYS A 85 17.41 0.86 -5.96
CA LYS A 85 17.62 0.43 -7.36
C LYS A 85 16.62 -0.69 -7.74
N LYS A 86 16.35 -1.63 -6.83
CA LYS A 86 15.39 -2.74 -7.06
C LYS A 86 14.00 -2.18 -7.21
N GLU A 87 13.59 -1.26 -6.30
CA GLU A 87 12.29 -0.60 -6.34
C GLU A 87 12.09 0.15 -7.68
N ILE A 88 13.15 0.87 -8.13
CA ILE A 88 13.12 1.58 -9.42
C ILE A 88 12.88 0.58 -10.55
N GLU A 89 13.63 -0.54 -10.57
CA GLU A 89 13.49 -1.59 -11.58
C GLU A 89 12.07 -2.17 -11.53
N ILE A 90 11.51 -2.38 -10.31
CA ILE A 90 10.14 -2.88 -10.22
C ILE A 90 9.15 -1.87 -10.84
N LEU A 91 9.19 -0.59 -10.43
CA LEU A 91 8.21 0.40 -10.89
C LEU A 91 8.28 0.69 -12.40
N ARG A 92 9.48 0.68 -12.97
CA ARG A 92 9.76 0.91 -14.39
C ARG A 92 9.14 -0.24 -15.22
N ASN A 93 9.04 -1.42 -14.62
CA ASN A 93 8.47 -2.65 -15.20
C ASN A 93 6.94 -2.72 -15.05
N LEU A 94 6.31 -1.81 -14.29
CA LEU A 94 4.85 -1.83 -14.06
C LEU A 94 4.18 -0.74 -14.88
N TYR A 95 3.19 -1.11 -15.69
CA TYR A 95 2.48 -0.14 -16.51
C TYR A 95 1.01 -0.50 -16.40
N HIS A 96 0.27 0.28 -15.61
CA HIS A 96 -1.15 -0.01 -15.32
C HIS A 96 -1.78 1.27 -14.83
N GLU A 97 -3.05 1.48 -15.18
CA GLU A 97 -3.90 2.60 -14.82
C GLU A 97 -3.97 2.81 -13.28
N ASN A 98 -3.90 1.72 -12.52
CA ASN A 98 -4.00 1.77 -11.05
C ASN A 98 -2.67 1.59 -10.34
N ILE A 99 -1.59 1.97 -11.03
CA ILE A 99 -0.24 1.96 -10.46
C ILE A 99 0.41 3.31 -10.76
N VAL A 100 0.97 3.98 -9.72
CA VAL A 100 1.62 5.29 -9.91
C VAL A 100 2.68 5.20 -11.05
N LYS A 101 2.67 6.18 -11.93
CA LYS A 101 3.55 6.25 -13.09
C LYS A 101 5.01 6.62 -12.73
N TYR A 102 5.94 5.76 -13.14
CA TYR A 102 7.37 5.98 -13.04
C TYR A 102 7.69 7.10 -14.05
N LYS A 103 8.53 8.09 -13.67
CA LYS A 103 8.91 9.17 -14.57
C LYS A 103 10.39 9.12 -14.93
N GLY A 104 11.21 8.66 -14.00
CA GLY A 104 12.64 8.60 -14.23
C GLY A 104 13.44 8.49 -12.96
N ILE A 105 14.72 8.83 -13.07
CA ILE A 105 15.70 8.78 -11.98
C ILE A 105 16.50 10.07 -11.91
N CYS A 106 17.13 10.31 -10.75
CA CYS A 106 18.07 11.41 -10.50
C CYS A 106 19.28 10.79 -9.82
N THR A 107 20.46 11.04 -10.36
CA THR A 107 21.66 10.50 -9.73
C THR A 107 22.35 11.58 -8.90
N GLU A 108 23.04 11.17 -7.81
CA GLU A 108 23.82 12.05 -6.94
C GLU A 108 25.27 12.15 -7.41
N ASN A 112 27.14 8.17 -7.00
CA ASN A 112 27.08 7.20 -5.90
C ASN A 112 25.67 6.94 -5.33
N GLY A 113 24.78 7.93 -5.48
CA GLY A 113 23.41 7.87 -4.98
C GLY A 113 22.36 7.87 -6.08
N ILE A 114 21.09 7.61 -5.72
CA ILE A 114 20.00 7.55 -6.69
C ILE A 114 18.65 7.98 -6.07
N LYS A 115 17.80 8.59 -6.87
CA LYS A 115 16.48 9.02 -6.42
C LYS A 115 15.50 8.48 -7.44
N LEU A 116 14.31 8.08 -7.00
CA LEU A 116 13.24 7.59 -7.87
C LEU A 116 12.29 8.75 -8.14
N ILE A 117 12.01 9.04 -9.42
CA ILE A 117 11.09 10.12 -9.80
C ILE A 117 9.75 9.52 -10.25
N MET A 118 8.63 10.01 -9.66
CA MET A 118 7.28 9.52 -9.97
C MET A 118 6.37 10.68 -10.24
N GLU A 119 5.20 10.40 -10.85
CA GLU A 119 4.22 11.47 -11.02
C GLU A 119 3.72 11.83 -9.62
N PHE A 120 3.33 13.09 -9.45
CA PHE A 120 2.80 13.57 -8.17
C PHE A 120 1.27 13.60 -8.26
N LEU A 121 0.58 13.09 -7.22
CA LEU A 121 -0.91 13.12 -7.22
C LEU A 121 -1.32 14.08 -6.11
N PRO A 122 -1.71 15.34 -6.44
CA PRO A 122 -1.94 16.35 -5.39
C PRO A 122 -2.96 16.02 -4.32
N SER A 123 -3.96 15.16 -4.61
CA SER A 123 -4.94 14.78 -3.60
C SER A 123 -4.34 13.88 -2.50
N GLY A 124 -3.12 13.37 -2.72
CA GLY A 124 -2.41 12.56 -1.74
C GLY A 124 -3.00 11.17 -1.53
N SER A 125 -2.62 10.52 -0.42
CA SER A 125 -3.10 9.18 -0.13
C SER A 125 -4.54 9.21 0.35
N LEU A 126 -5.21 8.04 0.36
CA LEU A 126 -6.57 7.90 0.91
C LEU A 126 -6.57 8.29 2.40
N LYS A 127 -5.46 8.07 3.11
CA LYS A 127 -5.32 8.45 4.53
C LYS A 127 -5.48 9.98 4.73
N GLU A 128 -5.04 10.78 3.75
CA GLU A 128 -5.11 12.24 3.76
C GLU A 128 -6.47 12.67 3.16
N TYR A 129 -6.86 12.08 2.03
CA TYR A 129 -8.06 12.43 1.27
C TYR A 129 -9.40 12.05 1.90
N LEU A 130 -9.58 10.80 2.34
CA LEU A 130 -10.88 10.34 2.87
C LEU A 130 -11.40 11.14 4.08
N PRO A 131 -10.61 11.46 5.14
CA PRO A 131 -11.16 12.27 6.25
C PRO A 131 -11.62 13.68 5.86
N LYS A 132 -11.01 14.25 4.80
CA LYS A 132 -11.35 15.58 4.27
C LYS A 132 -12.58 15.54 3.35
N ASN A 133 -12.92 14.37 2.76
CA ASN A 133 -14.03 14.24 1.80
C ASN A 133 -15.11 13.23 2.19
N LYS A 134 -15.27 12.93 3.49
CA LYS A 134 -16.27 12.02 4.05
C LYS A 134 -17.66 12.17 3.41
N ASN A 135 -18.18 13.42 3.31
CA ASN A 135 -19.50 13.72 2.77
C ASN A 135 -19.65 13.53 1.25
N LYS A 136 -18.56 13.69 0.51
CA LYS A 136 -18.52 13.62 -0.96
C LYS A 136 -18.38 12.16 -1.48
N ILE A 137 -17.75 11.28 -0.70
CA ILE A 137 -17.48 9.88 -1.10
C ILE A 137 -18.48 8.93 -0.44
N ASN A 138 -19.34 8.29 -1.26
CA ASN A 138 -20.35 7.34 -0.78
C ASN A 138 -19.84 5.89 -0.92
N LEU A 139 -20.68 4.90 -0.57
CA LEU A 139 -20.30 3.48 -0.62
C LEU A 139 -19.95 3.01 -2.03
N LYS A 140 -20.72 3.46 -3.04
CA LYS A 140 -20.50 3.14 -4.44
C LYS A 140 -19.07 3.54 -4.84
N GLN A 141 -18.65 4.78 -4.47
CA GLN A 141 -17.29 5.27 -4.78
C GLN A 141 -16.22 4.46 -4.04
N GLN A 142 -16.45 4.12 -2.78
CA GLN A 142 -15.50 3.30 -2.01
C GLN A 142 -15.31 1.93 -2.66
N LEU A 143 -16.42 1.32 -3.14
CA LEU A 143 -16.37 0.02 -3.81
C LEU A 143 -15.62 0.07 -5.13
N LYS A 144 -15.72 1.18 -5.85
CA LYS A 144 -14.97 1.41 -7.09
C LYS A 144 -13.51 1.58 -6.78
N TYR A 145 -13.18 2.22 -5.65
CA TYR A 145 -11.75 2.30 -5.28
C TYR A 145 -11.24 0.88 -4.97
N ALA A 146 -12.06 0.04 -4.27
CA ALA A 146 -11.69 -1.34 -3.90
C ALA A 146 -11.42 -2.20 -5.16
N VAL A 147 -12.22 -2.05 -6.22
CA VAL A 147 -12.00 -2.74 -7.50
C VAL A 147 -10.64 -2.31 -8.11
N GLN A 148 -10.36 -1.01 -8.13
CA GLN A 148 -9.13 -0.43 -8.69
C GLN A 148 -7.85 -0.90 -8.01
N ILE A 149 -7.88 -0.93 -6.69
CA ILE A 149 -6.76 -1.44 -5.88
C ILE A 149 -6.60 -2.94 -6.22
N CYS A 150 -7.69 -3.72 -6.28
CA CYS A 150 -7.61 -5.16 -6.63
C CYS A 150 -7.07 -5.37 -8.04
N LYS A 151 -7.45 -4.50 -8.99
CA LYS A 151 -6.95 -4.59 -10.38
C LYS A 151 -5.42 -4.33 -10.41
N GLY A 152 -4.99 -3.32 -9.69
CA GLY A 152 -3.56 -2.96 -9.54
C GLY A 152 -2.77 -4.08 -8.88
N MET A 153 -3.35 -4.69 -7.83
CA MET A 153 -2.73 -5.81 -7.13
C MET A 153 -2.68 -7.08 -7.98
N ASP A 154 -3.76 -7.38 -8.73
CA ASP A 154 -3.82 -8.55 -9.60
C ASP A 154 -2.76 -8.43 -10.69
N TYR A 155 -2.57 -7.20 -11.26
CA TYR A 155 -1.53 -6.93 -12.24
C TYR A 155 -0.13 -7.17 -11.60
N LEU A 156 0.12 -6.63 -10.41
CA LEU A 156 1.38 -6.84 -9.68
C LEU A 156 1.65 -8.37 -9.44
N GLY A 157 0.62 -9.13 -9.03
CA GLY A 157 0.72 -10.58 -8.85
C GLY A 157 1.03 -11.33 -10.15
N SER A 158 0.43 -10.89 -11.30
CA SER A 158 0.72 -11.48 -12.61
C SER A 158 2.21 -11.27 -12.98
N ARG A 159 2.87 -10.24 -12.43
CA ARG A 159 4.32 -10.00 -12.69
C ARG A 159 5.20 -10.79 -11.69
N GLN A 160 4.56 -11.62 -10.82
CA GLN A 160 5.21 -12.46 -9.80
C GLN A 160 5.83 -11.63 -8.67
N TYR A 161 5.12 -10.57 -8.23
CA TYR A 161 5.61 -9.76 -7.12
C TYR A 161 4.63 -9.81 -5.95
N VAL A 162 5.16 -9.65 -4.75
CA VAL A 162 4.36 -9.49 -3.53
C VAL A 162 4.66 -8.07 -3.06
N HIS A 163 3.63 -7.29 -2.78
CA HIS A 163 3.77 -5.90 -2.37
C HIS A 163 4.31 -5.75 -0.95
N ARG A 164 3.69 -6.47 0.03
CA ARG A 164 4.12 -6.50 1.45
C ARG A 164 3.87 -5.23 2.22
N ASP A 165 3.22 -4.23 1.63
CA ASP A 165 3.01 -2.96 2.34
C ASP A 165 1.70 -2.33 1.89
N LEU A 166 0.68 -3.15 1.59
CA LEU A 166 -0.58 -2.59 1.13
C LEU A 166 -1.41 -2.08 2.33
N ALA A 167 -1.59 -0.75 2.36
CA ALA A 167 -2.24 0.03 3.42
C ALA A 167 -2.73 1.31 2.72
N ALA A 168 -3.77 1.95 3.26
CA ALA A 168 -4.36 3.18 2.69
C ALA A 168 -3.36 4.32 2.49
N ARG A 169 -2.29 4.39 3.31
CA ARG A 169 -1.25 5.43 3.21
CA ARG A 169 -1.27 5.45 3.19
C ARG A 169 -0.48 5.32 1.88
N ASN A 170 -0.52 4.13 1.25
CA ASN A 170 0.13 3.79 -0.01
C ASN A 170 -0.82 3.78 -1.21
N VAL A 171 -2.10 4.09 -1.00
CA VAL A 171 -3.08 4.17 -2.08
C VAL A 171 -3.33 5.67 -2.35
N LEU A 172 -2.95 6.14 -3.55
CA LEU A 172 -3.04 7.53 -3.97
C LEU A 172 -4.32 7.82 -4.70
N VAL A 173 -4.85 9.03 -4.51
CA VAL A 173 -6.04 9.53 -5.18
C VAL A 173 -5.64 10.38 -6.39
N GLU A 174 -5.91 9.90 -7.61
CA GLU A 174 -5.63 10.66 -8.82
C GLU A 174 -6.78 11.66 -9.03
N SER A 175 -8.01 11.25 -8.67
CA SER A 175 -9.26 12.02 -8.78
C SER A 175 -10.28 11.34 -7.86
N GLU A 176 -11.50 11.91 -7.77
CA GLU A 176 -12.53 11.28 -6.95
C GLU A 176 -12.98 9.93 -7.58
N HIS A 177 -12.67 9.70 -8.86
CA HIS A 177 -13.02 8.47 -9.57
C HIS A 177 -11.84 7.51 -9.77
N GLN A 178 -10.59 7.90 -9.37
CA GLN A 178 -9.47 7.01 -9.62
C GLN A 178 -8.41 7.01 -8.54
N VAL A 179 -7.90 5.80 -8.21
CA VAL A 179 -6.85 5.61 -7.22
C VAL A 179 -5.73 4.79 -7.87
N LYS A 180 -4.53 4.88 -7.31
CA LYS A 180 -3.33 4.18 -7.78
C LYS A 180 -2.51 3.71 -6.59
N ILE A 181 -1.92 2.53 -6.70
CA ILE A 181 -0.98 2.04 -5.68
C ILE A 181 0.29 2.87 -5.91
N GLY A 182 0.73 3.57 -4.87
CA GLY A 182 1.78 4.57 -4.97
C GLY A 182 3.10 4.44 -4.26
N ASP A 183 3.42 3.26 -3.73
CA ASP A 183 4.73 3.03 -3.10
C ASP A 183 5.05 1.56 -3.24
N PHE A 184 6.31 1.21 -3.52
CA PHE A 184 6.72 -0.19 -3.72
C PHE A 184 7.99 -0.53 -2.94
N GLY A 185 8.23 0.22 -1.86
CA GLY A 185 9.44 0.07 -1.05
C GLY A 185 9.68 -1.30 -0.45
N LEU A 186 8.62 -2.14 -0.24
CA LEU A 186 8.82 -3.49 0.33
C LEU A 186 8.56 -4.61 -0.71
N THR A 187 8.24 -4.23 -1.97
CA THR A 187 7.87 -5.17 -3.04
C THR A 187 9.00 -6.12 -3.37
N LYS A 188 8.69 -7.41 -3.43
CA LYS A 188 9.68 -8.43 -3.74
C LYS A 188 9.21 -9.36 -4.84
N ALA A 189 10.15 -9.88 -5.66
CA ALA A 189 9.86 -10.88 -6.68
C ALA A 189 9.71 -12.23 -5.99
N ILE A 190 8.60 -12.94 -6.25
CA ILE A 190 8.33 -14.26 -5.68
C ILE A 190 9.44 -15.20 -6.16
N GLU A 191 10.04 -15.93 -5.22
CA GLU A 191 11.09 -16.91 -5.49
C GLU A 191 10.61 -17.86 -6.60
N THR A 192 11.46 -18.04 -7.61
CA THR A 192 11.21 -18.85 -8.81
C THR A 192 10.67 -20.26 -8.44
N ASP A 193 9.58 -20.71 -9.11
CA ASP A 193 8.89 -21.99 -8.89
C ASP A 193 8.31 -22.15 -7.47
N LYS A 194 8.30 -21.06 -6.69
CA LYS A 194 7.73 -21.05 -5.34
C LYS A 194 6.51 -20.15 -5.32
N GLU A 195 5.69 -20.28 -4.29
CA GLU A 195 4.48 -19.47 -4.11
C GLU A 195 4.76 -18.30 -3.16
N PTR A 196 5.97 -18.21 -2.60
CA PTR A 196 6.23 -17.12 -1.67
C PTR A 196 7.64 -16.58 -1.71
O PTR A 196 8.52 -17.18 -2.31
CB PTR A 196 5.94 -17.71 -0.25
CG PTR A 196 6.79 -18.86 0.18
CD1 PTR A 196 6.28 -20.20 0.09
CD2 PTR A 196 8.08 -18.63 0.72
CE1 PTR A 196 7.09 -21.28 0.56
CE2 PTR A 196 8.88 -19.71 1.16
CZ PTR A 196 8.41 -21.04 1.08
OH PTR A 196 9.31 -21.94 1.62
P PTR A 196 9.53 -23.38 1.11
O1P PTR A 196 10.35 -24.02 2.25
O2P PTR A 196 10.41 -23.34 -0.14
O3P PTR A 196 8.23 -24.18 0.86
N PTR A 197 7.86 -15.46 -1.04
CA PTR A 197 9.15 -14.82 -0.81
C PTR A 197 9.42 -14.90 0.70
O PTR A 197 8.51 -14.66 1.51
CB PTR A 197 9.13 -13.31 -1.25
CG PTR A 197 10.45 -12.60 -0.89
CD1 PTR A 197 10.53 -11.77 0.27
CD2 PTR A 197 11.59 -12.76 -1.70
CE1 PTR A 197 11.73 -11.15 0.63
CE2 PTR A 197 12.80 -12.14 -1.34
CZ PTR A 197 12.87 -11.31 -0.18
OH PTR A 197 13.99 -10.65 0.27
P PTR A 197 15.35 -10.59 -0.53
O1P PTR A 197 16.13 -9.51 0.27
O2P PTR A 197 16.11 -11.93 -0.54
O3P PTR A 197 15.22 -10.15 -2.01
N THR A 198 10.64 -15.22 1.08
CA THR A 198 11.03 -15.32 2.50
C THR A 198 11.79 -14.06 2.88
N VAL A 199 11.27 -13.30 3.83
CA VAL A 199 11.97 -12.10 4.25
C VAL A 199 13.11 -12.45 5.21
N LYS A 200 14.30 -11.90 4.98
CA LYS A 200 15.49 -12.13 5.78
C LYS A 200 15.76 -10.95 6.74
N ASP A 201 15.08 -9.81 6.53
CA ASP A 201 15.20 -8.60 7.35
C ASP A 201 13.93 -8.29 8.18
N ASP A 202 12.89 -7.66 7.53
CA ASP A 202 11.59 -7.27 8.13
C ASP A 202 11.72 -6.35 9.37
N ARG A 203 12.79 -5.53 9.43
CA ARG A 203 13.16 -4.62 10.54
C ARG A 203 11.96 -3.94 11.20
N ASP A 204 11.25 -3.08 10.44
CA ASP A 204 10.04 -2.39 10.86
C ASP A 204 9.07 -2.52 9.69
N SER A 205 8.12 -3.45 9.81
CA SER A 205 7.13 -3.76 8.78
C SER A 205 5.70 -3.51 9.31
N PRO A 206 4.67 -3.34 8.44
CA PRO A 206 3.32 -3.04 8.96
C PRO A 206 2.60 -4.28 9.50
N VAL A 207 2.99 -4.73 10.71
CA VAL A 207 2.47 -5.97 11.32
C VAL A 207 0.94 -6.02 11.46
N PHE A 208 0.25 -4.89 11.68
CA PHE A 208 -1.21 -4.85 11.85
C PHE A 208 -1.97 -5.06 10.52
N TRP A 209 -1.25 -5.09 9.37
CA TRP A 209 -1.81 -5.34 8.04
C TRP A 209 -1.37 -6.75 7.57
N TYR A 210 -0.58 -7.47 8.38
CA TYR A 210 0.02 -8.75 8.02
C TYR A 210 -0.76 -10.01 8.38
N ALA A 211 -0.72 -10.99 7.46
CA ALA A 211 -1.35 -12.29 7.56
C ALA A 211 -0.60 -13.15 8.57
N PRO A 212 -1.24 -14.22 9.13
CA PRO A 212 -0.53 -15.07 10.11
C PRO A 212 0.78 -15.67 9.60
N GLU A 213 0.86 -16.11 8.34
CA GLU A 213 2.09 -16.74 7.78
C GLU A 213 3.28 -15.75 7.69
N CYS A 214 3.00 -14.43 7.55
CA CYS A 214 4.04 -13.40 7.52
C CYS A 214 4.55 -13.19 8.94
N LEU A 215 3.62 -13.15 9.91
CA LEU A 215 3.94 -12.96 11.33
C LEU A 215 4.58 -14.17 11.98
N MET A 216 4.21 -15.39 11.59
CA MET A 216 4.73 -16.61 12.22
C MET A 216 5.92 -17.25 11.52
N GLN A 217 6.13 -16.97 10.20
CA GLN A 217 7.17 -17.65 9.42
C GLN A 217 7.98 -16.76 8.48
N SER A 218 7.65 -15.47 8.40
CA SER A 218 8.31 -14.50 7.50
C SER A 218 8.16 -14.88 5.99
N LYS A 219 7.09 -15.64 5.67
CA LYS A 219 6.74 -16.08 4.32
C LYS A 219 5.64 -15.20 3.80
N PHE A 220 5.85 -14.64 2.61
CA PHE A 220 4.91 -13.74 1.97
CA PHE A 220 4.88 -13.76 2.00
C PHE A 220 4.41 -14.31 0.65
N TYR A 221 3.10 -14.60 0.58
CA TYR A 221 2.41 -15.14 -0.60
C TYR A 221 1.59 -14.06 -1.25
N ILE A 222 1.10 -14.31 -2.49
CA ILE A 222 0.12 -13.39 -3.12
C ILE A 222 -1.09 -13.32 -2.13
N ALA A 223 -1.49 -14.48 -1.54
CA ALA A 223 -2.56 -14.58 -0.53
C ALA A 223 -2.30 -13.68 0.70
N SER A 224 -1.04 -13.36 0.99
CA SER A 224 -0.68 -12.48 2.12
C SER A 224 -1.06 -11.03 1.77
N ASP A 225 -0.93 -10.65 0.48
CA ASP A 225 -1.35 -9.33 0.00
C ASP A 225 -2.88 -9.21 0.02
N VAL A 226 -3.59 -10.34 -0.22
CA VAL A 226 -5.07 -10.43 -0.17
C VAL A 226 -5.55 -10.07 1.27
N TRP A 227 -4.86 -10.60 2.26
CA TRP A 227 -5.12 -10.26 3.67
C TRP A 227 -4.93 -8.78 3.92
N SER A 228 -3.77 -8.18 3.50
CA SER A 228 -3.48 -6.75 3.66
C SER A 228 -4.55 -5.92 2.94
N PHE A 229 -5.02 -6.41 1.80
CA PHE A 229 -6.10 -5.75 1.09
C PHE A 229 -7.36 -5.67 1.95
N GLY A 230 -7.74 -6.76 2.59
CA GLY A 230 -8.91 -6.78 3.46
C GLY A 230 -8.82 -5.73 4.55
N VAL A 231 -7.60 -5.53 5.10
CA VAL A 231 -7.30 -4.52 6.12
C VAL A 231 -7.43 -3.11 5.53
N THR A 232 -6.90 -2.91 4.29
CA THR A 232 -6.99 -1.65 3.56
C THR A 232 -8.44 -1.31 3.24
N LEU A 233 -9.22 -2.31 2.86
CA LEU A 233 -10.65 -2.12 2.60
C LEU A 233 -11.33 -1.67 3.89
N HIS A 234 -10.96 -2.28 5.05
CA HIS A 234 -11.52 -1.83 6.34
C HIS A 234 -11.24 -0.33 6.57
N GLU A 235 -9.97 0.14 6.35
CA GLU A 235 -9.53 1.56 6.47
C GLU A 235 -10.37 2.46 5.56
N LEU A 236 -10.53 2.04 4.30
CA LEU A 236 -11.29 2.77 3.28
C LEU A 236 -12.77 2.97 3.72
N LEU A 237 -13.41 1.89 4.23
CA LEU A 237 -14.80 1.93 4.69
C LEU A 237 -15.02 2.80 5.94
N THR A 238 -13.98 2.99 6.79
CA THR A 238 -14.07 3.87 7.96
C THR A 238 -13.59 5.27 7.62
N TYR A 239 -13.31 5.57 6.31
CA TYR A 239 -12.84 6.87 5.82
C TYR A 239 -11.48 7.24 6.43
N CYS A 240 -10.64 6.22 6.71
CA CYS A 240 -9.32 6.36 7.34
C CYS A 240 -9.35 7.15 8.66
N ASP A 241 -10.43 6.97 9.45
CA ASP A 241 -10.57 7.60 10.75
C ASP A 241 -9.46 7.03 11.66
N SER A 242 -8.59 7.92 12.20
CA SER A 242 -7.45 7.54 13.05
C SER A 242 -7.86 6.71 14.27
N ASP A 243 -9.05 6.95 14.84
CA ASP A 243 -9.53 6.19 16.00
C ASP A 243 -9.98 4.77 15.63
N SER A 244 -10.31 4.53 14.33
CA SER A 244 -10.75 3.24 13.82
C SER A 244 -9.66 2.52 13.02
N SER A 245 -8.45 3.09 12.97
CA SER A 245 -7.30 2.49 12.27
C SER A 245 -6.96 1.09 12.82
N PRO A 246 -6.44 0.19 11.95
CA PRO A 246 -6.05 -1.17 12.40
C PRO A 246 -5.17 -1.21 13.64
N MET A 247 -4.20 -0.29 13.74
CA MET A 247 -3.30 -0.20 14.89
C MET A 247 -4.10 0.17 16.14
N ALA A 248 -4.92 1.25 16.08
CA ALA A 248 -5.75 1.72 17.20
C ALA A 248 -6.72 0.65 17.70
N LEU A 249 -7.44 -0.02 16.76
CA LEU A 249 -8.38 -1.09 17.10
C LEU A 249 -7.71 -2.27 17.77
N PHE A 250 -6.60 -2.78 17.17
CA PHE A 250 -5.84 -3.89 17.74
C PHE A 250 -5.19 -3.52 19.07
N LEU A 251 -4.77 -2.25 19.25
CA LEU A 251 -4.20 -1.78 20.52
C LEU A 251 -5.26 -1.70 21.62
N LYS A 252 -6.56 -1.65 21.23
CA LYS A 252 -7.70 -1.66 22.16
C LYS A 252 -8.18 -3.09 22.41
N MET A 253 -7.97 -3.99 21.43
CA MET A 253 -8.32 -5.42 21.50
C MET A 253 -7.31 -6.17 22.37
N ILE A 254 -6.03 -6.13 21.96
CA ILE A 254 -4.89 -6.79 22.58
C ILE A 254 -4.44 -6.09 23.87
N GLY A 255 -4.16 -4.80 23.77
CA GLY A 255 -3.62 -3.98 24.85
C GLY A 255 -2.18 -3.64 24.54
N PRO A 256 -1.63 -2.52 25.06
CA PRO A 256 -0.24 -2.18 24.72
C PRO A 256 0.80 -2.99 25.49
N THR A 257 1.91 -3.33 24.78
CA THR A 257 3.06 -4.08 25.27
C THR A 257 4.34 -3.48 24.67
N HIS A 258 4.21 -2.96 23.42
CA HIS A 258 5.21 -2.30 22.58
C HIS A 258 6.38 -3.21 22.15
N GLY A 259 6.84 -2.97 20.93
CA GLY A 259 7.99 -3.63 20.29
C GLY A 259 8.09 -5.14 20.27
N GLN A 260 8.45 -5.75 21.42
CA GLN A 260 8.77 -7.17 21.63
C GLN A 260 7.64 -8.19 21.47
N MET A 261 6.58 -8.08 22.28
CA MET A 261 5.49 -9.05 22.36
C MET A 261 4.28 -8.75 21.49
N THR A 262 4.26 -7.60 20.81
CA THR A 262 3.16 -7.18 19.94
C THR A 262 2.77 -8.28 18.93
N VAL A 263 3.76 -8.79 18.17
CA VAL A 263 3.55 -9.81 17.13
C VAL A 263 2.95 -11.10 17.70
N THR A 264 3.50 -11.59 18.83
CA THR A 264 3.00 -12.79 19.53
C THR A 264 1.53 -12.61 19.93
N ARG A 265 1.21 -11.47 20.56
CA ARG A 265 -0.15 -11.16 21.03
C ARG A 265 -1.13 -10.98 19.87
N LEU A 266 -0.63 -10.51 18.71
CA LEU A 266 -1.41 -10.34 17.48
C LEU A 266 -1.73 -11.73 16.91
N VAL A 267 -0.70 -12.61 16.81
CA VAL A 267 -0.83 -13.98 16.31
C VAL A 267 -1.88 -14.76 17.13
N ASN A 268 -1.83 -14.63 18.47
CA ASN A 268 -2.75 -15.32 19.39
C ASN A 268 -4.18 -14.84 19.20
N THR A 269 -4.38 -13.52 19.04
CA THR A 269 -5.68 -12.89 18.79
C THR A 269 -6.24 -13.43 17.48
N LEU A 270 -5.42 -13.50 16.41
CA LEU A 270 -5.83 -14.06 15.11
C LEU A 270 -6.16 -15.56 15.17
N LYS A 271 -5.37 -16.34 15.95
CA LYS A 271 -5.58 -17.77 16.17
C LYS A 271 -6.94 -18.04 16.84
N GLU A 272 -7.38 -17.14 17.75
CA GLU A 272 -8.67 -17.20 18.46
C GLU A 272 -9.87 -16.96 17.51
N GLY A 273 -9.59 -16.45 16.32
CA GLY A 273 -10.61 -16.16 15.33
C GLY A 273 -11.10 -14.72 15.34
N LYS A 274 -10.46 -13.87 16.18
CA LYS A 274 -10.81 -12.45 16.25
C LYS A 274 -10.34 -11.72 14.99
N ARG A 275 -11.19 -10.84 14.46
CA ARG A 275 -10.89 -10.05 13.26
C ARG A 275 -11.40 -8.64 13.50
N LEU A 276 -10.99 -7.69 12.64
CA LEU A 276 -11.47 -6.30 12.73
C LEU A 276 -13.00 -6.33 12.54
N PRO A 277 -13.77 -5.58 13.35
CA PRO A 277 -15.25 -5.64 13.21
C PRO A 277 -15.76 -4.94 11.96
N CYS A 278 -17.00 -5.27 11.57
CA CYS A 278 -17.70 -4.73 10.42
C CYS A 278 -17.85 -3.21 10.63
N PRO A 279 -17.30 -2.36 9.73
CA PRO A 279 -17.43 -0.91 9.92
C PRO A 279 -18.88 -0.43 9.92
N PRO A 280 -19.22 0.75 10.52
CA PRO A 280 -20.62 1.19 10.46
C PRO A 280 -21.02 1.52 9.02
N ASN A 281 -22.25 1.11 8.63
CA ASN A 281 -22.80 1.31 7.28
C ASN A 281 -22.13 0.43 6.19
N CYS A 282 -21.34 -0.60 6.59
CA CYS A 282 -20.75 -1.56 5.65
C CYS A 282 -21.81 -2.67 5.50
N PRO A 283 -22.31 -2.93 4.27
CA PRO A 283 -23.33 -3.97 4.13
C PRO A 283 -22.73 -5.36 4.28
N ASP A 284 -23.58 -6.35 4.60
CA ASP A 284 -23.22 -7.75 4.83
C ASP A 284 -22.41 -8.33 3.69
N GLU A 285 -22.83 -8.04 2.44
CA GLU A 285 -22.19 -8.51 1.21
C GLU A 285 -20.73 -8.04 1.11
N VAL A 286 -20.45 -6.80 1.53
CA VAL A 286 -19.09 -6.24 1.51
C VAL A 286 -18.25 -6.89 2.63
N TYR A 287 -18.80 -7.02 3.86
CA TYR A 287 -18.09 -7.67 4.96
C TYR A 287 -17.74 -9.14 4.65
N GLN A 288 -18.64 -9.89 3.98
CA GLN A 288 -18.41 -11.29 3.61
C GLN A 288 -17.16 -11.39 2.70
N LEU A 289 -17.00 -10.43 1.76
CA LEU A 289 -15.84 -10.39 0.89
C LEU A 289 -14.58 -10.12 1.72
N MET A 290 -14.65 -9.13 2.63
CA MET A 290 -13.58 -8.73 3.56
C MET A 290 -13.14 -9.91 4.41
N ARG A 291 -14.10 -10.70 4.93
CA ARG A 291 -13.84 -11.89 5.74
C ARG A 291 -13.17 -13.01 4.95
N LYS A 292 -13.42 -13.09 3.63
CA LYS A 292 -12.78 -14.08 2.75
C LYS A 292 -11.29 -13.75 2.54
N CYS A 293 -10.87 -12.48 2.82
CA CYS A 293 -9.46 -12.04 2.77
C CYS A 293 -8.75 -12.49 4.00
N TRP A 294 -9.51 -12.78 5.06
CA TRP A 294 -9.00 -13.05 6.39
C TRP A 294 -9.10 -14.48 6.88
N GLU A 295 -9.07 -15.46 5.96
CA GLU A 295 -9.05 -16.87 6.36
C GLU A 295 -7.66 -17.10 6.93
N PHE A 296 -7.57 -17.82 8.06
CA PHE A 296 -6.27 -18.08 8.69
C PHE A 296 -5.27 -18.71 7.74
N GLN A 297 -5.72 -19.73 6.97
CA GLN A 297 -4.87 -20.45 6.02
C GLN A 297 -4.80 -19.73 4.67
N PRO A 298 -3.59 -19.46 4.12
CA PRO A 298 -3.47 -18.77 2.81
C PRO A 298 -4.29 -19.42 1.68
N SER A 299 -4.32 -20.76 1.63
CA SER A 299 -5.04 -21.53 0.60
C SER A 299 -6.56 -21.38 0.63
N ASN A 300 -7.13 -20.92 1.76
CA ASN A 300 -8.57 -20.73 1.90
C ASN A 300 -9.02 -19.31 1.55
N ARG A 301 -8.06 -18.40 1.33
CA ARG A 301 -8.41 -17.01 1.01
C ARG A 301 -8.84 -16.86 -0.42
N THR A 302 -9.65 -15.83 -0.67
CA THR A 302 -10.11 -15.47 -2.00
C THR A 302 -8.90 -14.91 -2.79
N SER A 303 -9.02 -14.81 -4.11
CA SER A 303 -7.99 -14.25 -4.98
C SER A 303 -8.41 -12.82 -5.33
N PHE A 304 -7.50 -12.02 -5.91
CA PHE A 304 -7.83 -10.67 -6.34
C PHE A 304 -8.84 -10.67 -7.48
N GLN A 305 -8.74 -11.65 -8.41
CA GLN A 305 -9.68 -11.79 -9.53
C GLN A 305 -11.10 -12.05 -9.02
N ASN A 306 -11.22 -12.88 -7.97
CA ASN A 306 -12.52 -13.16 -7.37
C ASN A 306 -13.08 -11.92 -6.66
N LEU A 307 -12.20 -11.10 -6.05
CA LEU A 307 -12.59 -9.86 -5.38
C LEU A 307 -13.11 -8.83 -6.39
N ILE A 308 -12.43 -8.68 -7.54
CA ILE A 308 -12.83 -7.78 -8.64
C ILE A 308 -14.28 -8.12 -9.05
N GLU A 309 -14.55 -9.38 -9.41
CA GLU A 309 -15.88 -9.87 -9.81
C GLU A 309 -16.93 -9.66 -8.69
N GLY A 310 -16.55 -9.97 -7.44
CA GLY A 310 -17.42 -9.82 -6.28
C GLY A 310 -17.86 -8.38 -6.05
N PHE A 311 -16.92 -7.43 -6.10
CA PHE A 311 -17.26 -6.01 -5.92
C PHE A 311 -18.05 -5.47 -7.10
N GLU A 312 -17.66 -5.83 -8.34
CA GLU A 312 -18.35 -5.36 -9.55
C GLU A 312 -19.84 -5.80 -9.58
N ALA A 313 -20.15 -6.99 -9.04
CA ALA A 313 -21.51 -7.55 -8.90
C ALA A 313 -22.34 -6.67 -7.93
N LEU A 314 -21.68 -5.93 -7.03
CA LEU A 314 -22.35 -5.04 -6.07
C LEU A 314 -22.56 -3.63 -6.63
N LEU A 315 -21.83 -3.27 -7.69
CA LEU A 315 -21.90 -1.97 -8.36
C LEU A 315 -22.97 -1.97 -9.44
N LYS A 316 -24.01 -1.12 -9.27
CA LYS A 316 -25.10 -0.98 -10.24
C LYS A 316 -25.25 0.48 -10.67
C1 D7D B . 2.76 10.78 -4.94
C2 D7D B . 3.07 10.02 -3.77
N3 D7D B . 3.83 6.36 1.29
C4 D7D B . 3.59 8.80 -1.13
C5 D7D B . 3.14 7.30 -0.99
C6 D7D B . 4.20 7.14 0.13
C8 D7D B . 6.16 5.46 2.15
C9 D7D B . 7.44 6.26 2.41
C10 D7D B . 8.69 5.45 2.07
C11 D7D B . 1.69 10.18 -0.23
C12 D7D B . 3.93 8.95 -4.19
C13 D7D B . 4.11 9.07 -5.55
O1 D7D B . 4.06 5.43 3.55
S D7D B . 4.76 6.27 2.64
O D7D B . 5.11 7.58 3.03
C7 D7D B . 4.27 8.69 0.27
N2 D7D B . 2.55 9.77 -1.35
C3 D7D B . 2.46 10.45 -2.56
N D7D B . 1.68 11.58 -2.56
N4 D7D B . 3.40 10.20 -6.02
N1 D7D B . 1.95 11.89 -4.98
C D7D B . 1.48 12.21 -3.76
H8 D7D B . 2.92 5.90 1.21
H D7D B . 4.40 8.90 -1.90
H4 D7D B . 3.27 6.67 -1.88
H5 D7D B . 2.09 7.17 -0.67
H1 D7D B . 5.16 6.73 -0.29
H10 D7D B . 6.20 5.12 1.09
H9 D7D B . 6.29 4.46 2.64
H11 D7D B . 7.43 7.20 1.82
H12 D7D B . 7.48 6.57 3.48
H15 D7D B . 8.78 4.55 2.69
H14 D7D B . 8.71 5.13 1.03
H13 D7D B . 9.61 6.04 2.24
H18 D7D B . 0.68 10.47 -0.55
H17 D7D B . 2.11 11.04 0.32
H16 D7D B . 1.56 9.35 0.49
H19 D7D B . 4.36 8.18 -3.56
H20 D7D B . 4.70 8.46 -6.24
H7 D7D B . 3.71 9.10 1.13
H6 D7D B . 5.28 9.12 0.35
H2 D7D B . 3.36 10.53 -6.97
H3 D7D B . 0.85 13.11 -3.70
#